data_3U7W
#
_entry.id   3U7W
#
_cell.length_a   49.380
_cell.length_b   87.390
_cell.length_c   166.400
_cell.angle_alpha   90.00
_cell.angle_beta   90.00
_cell.angle_gamma   90.00
#
_symmetry.space_group_name_H-M   'P 21 21 21'
#
loop_
_entity.id
_entity.type
_entity.pdbx_description
1 polymer 'Heavy chain, Ig gamma-1 chain C region'
2 polymer 'Light chain, Ig kappa chain C region'
3 non-polymer GLYCEROL
4 non-polymer 'SULFATE ION'
5 non-polymer 2-acetamido-2-deoxy-beta-D-glucopyranose
6 water water
#
loop_
_entity_poly.entity_id
_entity_poly.type
_entity_poly.pdbx_seq_one_letter_code
_entity_poly.pdbx_strand_id
1 'polypeptide(L)'
;(PCA)VRLSQSGGQMKKPGESMRLSCRASGYEFLNCPINWIRLAPGRRPEWMGWLKPRGGAVNYARKFQGRVTMTRDVYS
DTAFLELRSLTSDDTAVYFCTRGKYCTARDYYNWDFEHWGRGAPVTVSSASTKGPSVFPLAPSSKSTSGGTAALGCLVKD
YFPEPVTVSWNSGALTSGVHTFPAVLQSSGLYSLSSVVTVPSSSLGTQTYICNVNHKPSNTKVDKRVEPKSCD
;
H
2 'polypeptide(L)'
;EIVLTQSPATLSLSPGETAIISCRTSQSGSLAWYQQRPGQAPRLVIYSGSTRAAGIPDRFSGSRWGADYNLSISNLESGD
FGVYYCQQYEFFGQGTKVQVDIKRTVAAPSVFIFPPSDEQLKSGTASVVCLLNNFYPREAKVQWKVDNALQSGNSQESVT
EQDSKDSTYSLSSTLTLSKADYEKHKVYACEVTHQGLSSPVTKSFNRGEC
;
L
#
# COMPACT_ATOMS: atom_id res chain seq x y z
N VAL A 2 23.73 -17.59 -7.83
CA VAL A 2 24.03 -16.24 -7.39
C VAL A 2 22.89 -15.68 -6.54
N ARG A 3 23.23 -15.05 -5.42
CA ARG A 3 22.19 -14.53 -4.54
C ARG A 3 22.67 -13.39 -3.65
N LEU A 4 21.74 -12.50 -3.30
CA LEU A 4 22.04 -11.39 -2.42
C LEU A 4 21.15 -11.46 -1.19
N SER A 5 21.76 -11.37 -0.01
CA SER A 5 21.08 -11.54 1.25
C SER A 5 21.10 -10.22 2.02
N GLN A 6 19.93 -9.72 2.39
CA GLN A 6 19.83 -8.40 3.03
C GLN A 6 19.46 -8.43 4.51
N SER A 7 19.87 -7.39 5.23
CA SER A 7 19.49 -7.23 6.62
C SER A 7 18.06 -6.71 6.66
N GLY A 8 17.43 -6.76 7.83
CA GLY A 8 16.02 -6.47 7.95
C GLY A 8 15.63 -5.01 7.86
N GLY A 9 14.33 -4.75 7.99
CA GLY A 9 13.82 -3.39 7.97
C GLY A 9 14.11 -2.64 9.25
N GLN A 10 14.11 -1.32 9.17
CA GLN A 10 14.44 -0.51 10.33
C GLN A 10 13.45 0.65 10.48
N MET A 11 13.30 1.10 11.73
CA MET A 11 12.50 2.28 12.02
C MET A 11 13.42 3.38 12.56
N LYS A 12 13.35 4.56 11.94
CA LYS A 12 14.20 5.67 12.36
C LYS A 12 13.39 6.93 12.64
N LYS A 13 13.96 7.82 13.46
CA LYS A 13 13.41 9.16 13.63
C LYS A 13 14.16 10.09 12.68
N PRO A 14 13.56 11.24 12.35
CA PRO A 14 14.26 12.19 11.49
C PRO A 14 15.56 12.66 12.15
N GLY A 15 16.61 12.78 11.35
CA GLY A 15 17.89 13.24 11.86
C GLY A 15 18.89 12.12 12.11
N GLU A 16 18.38 10.90 12.32
CA GLU A 16 19.23 9.76 12.64
C GLU A 16 19.96 9.20 11.41
N SER A 17 20.75 8.15 11.63
CA SER A 17 21.43 7.45 10.55
C SER A 17 21.06 5.97 10.56
N MET A 18 21.32 5.29 9.45
CA MET A 18 21.07 3.85 9.36
C MET A 18 22.16 3.15 8.57
N ARG A 19 22.43 1.90 8.92
CA ARG A 19 23.28 1.03 8.11
C ARG A 19 22.48 -0.19 7.65
N LEU A 20 22.54 -0.46 6.36
CA LEU A 20 21.97 -1.67 5.81
C LEU A 20 23.10 -2.53 5.26
N SER A 21 22.90 -3.84 5.27
CA SER A 21 23.93 -4.73 4.74
C SER A 21 23.39 -5.67 3.66
N CYS A 22 24.26 -5.96 2.71
CA CYS A 22 23.94 -6.88 1.64
C CYS A 22 25.07 -7.89 1.58
N ARG A 23 24.73 -9.17 1.63
CA ARG A 23 25.73 -10.23 1.65
C ARG A 23 25.56 -11.15 0.45
N ALA A 24 26.66 -11.41 -0.25
CA ALA A 24 26.60 -12.15 -1.50
C ALA A 24 26.96 -13.61 -1.31
N SER A 25 26.50 -14.45 -2.24
CA SER A 25 26.93 -15.84 -2.29
C SER A 25 26.71 -16.42 -3.68
N GLY A 26 27.44 -17.48 -3.97
CA GLY A 26 27.27 -18.20 -5.23
C GLY A 26 28.16 -17.69 -6.33
N TYR A 27 28.98 -16.69 -6.04
CA TYR A 27 29.90 -16.13 -7.02
C TYR A 27 31.00 -15.37 -6.30
N GLU A 28 32.04 -14.99 -7.03
CA GLU A 28 33.17 -14.28 -6.44
C GLU A 28 32.85 -12.81 -6.19
N PHE A 29 32.65 -12.47 -4.93
CA PHE A 29 32.26 -11.14 -4.49
C PHE A 29 33.05 -10.03 -5.18
N LEU A 30 34.34 -10.27 -5.41
CA LEU A 30 35.24 -9.23 -5.91
C LEU A 30 35.08 -8.88 -7.39
N ASN A 31 34.25 -9.63 -8.11
CA ASN A 31 34.17 -9.49 -9.56
C ASN A 31 33.23 -8.39 -10.06
N CYS A 32 32.16 -8.12 -9.32
CA CYS A 32 31.09 -7.25 -9.79
C CYS A 32 30.84 -6.11 -8.84
N PRO A 33 30.44 -4.95 -9.38
CA PRO A 33 29.96 -3.87 -8.53
C PRO A 33 28.62 -4.22 -7.90
N ILE A 34 28.35 -3.65 -6.73
CA ILE A 34 27.04 -3.82 -6.10
C ILE A 34 26.31 -2.48 -6.05
N ASN A 35 25.02 -2.50 -6.40
CA ASN A 35 24.24 -1.26 -6.46
C ASN A 35 23.25 -1.18 -5.32
N TRP A 36 22.84 0.05 -4.99
CA TRP A 36 21.76 0.25 -4.04
C TRP A 36 20.64 1.06 -4.70
N ILE A 37 19.42 0.54 -4.57
CA ILE A 37 18.25 1.15 -5.18
C ILE A 37 17.08 1.17 -4.19
N ARG A 38 16.47 2.33 -4.00
CA ARG A 38 15.34 2.47 -3.10
C ARG A 38 14.06 2.61 -3.89
N LEU A 39 12.99 1.97 -3.43
CA LEU A 39 11.68 2.11 -4.04
C LEU A 39 10.65 2.62 -3.02
N ALA A 40 10.26 3.88 -3.15
CA ALA A 40 9.17 4.42 -2.36
C ALA A 40 7.86 4.15 -3.10
N PRO A 41 6.87 3.61 -2.39
CA PRO A 41 5.60 3.22 -3.03
C PRO A 41 4.95 4.42 -3.73
N GLY A 42 4.60 4.26 -5.00
CA GLY A 42 3.97 5.32 -5.75
C GLY A 42 4.94 6.36 -6.28
N ARG A 43 6.24 6.13 -6.09
CA ARG A 43 7.25 7.06 -6.58
C ARG A 43 8.27 6.36 -7.45
N ARG A 44 9.01 7.15 -8.22
CA ARG A 44 10.01 6.64 -9.14
C ARG A 44 11.21 6.05 -8.39
N PRO A 45 11.61 4.82 -8.76
CA PRO A 45 12.76 4.17 -8.12
C PRO A 45 14.00 5.03 -8.30
N GLU A 46 14.86 5.04 -7.28
CA GLU A 46 16.06 5.85 -7.31
C GLU A 46 17.29 4.99 -7.11
N TRP A 47 18.15 4.95 -8.13
CA TRP A 47 19.46 4.35 -7.99
C TRP A 47 20.26 5.31 -7.12
N MET A 48 20.88 4.79 -6.07
CA MET A 48 21.64 5.64 -5.15
C MET A 48 23.13 5.65 -5.50
N GLY A 49 23.66 4.48 -5.85
CA GLY A 49 25.04 4.37 -6.28
C GLY A 49 25.55 2.95 -6.34
N TRP A 50 26.75 2.76 -6.89
CA TRP A 50 27.42 1.47 -6.83
C TRP A 50 28.72 1.49 -6.02
N LEU A 51 29.17 0.30 -5.64
CA LEU A 51 30.45 0.14 -4.98
C LEU A 51 31.16 -1.06 -5.58
N LYS A 52 32.47 -0.94 -5.78
CA LYS A 52 33.27 -2.05 -6.30
C LYS A 52 34.04 -2.74 -5.17
N PRO A 53 33.59 -3.95 -4.79
CA PRO A 53 34.16 -4.68 -3.66
C PRO A 53 35.68 -4.78 -3.74
N ARG A 54 36.22 -4.90 -4.96
CA ARG A 54 37.66 -4.86 -5.14
C ARG A 54 38.12 -3.43 -5.39
N GLY A 55 38.77 -2.86 -4.39
CA GLY A 55 39.21 -1.48 -4.46
C GLY A 55 38.40 -0.57 -3.56
N GLY A 56 37.09 -0.81 -3.47
CA GLY A 56 36.22 0.06 -2.71
C GLY A 56 35.91 1.36 -3.42
N ALA A 57 36.18 1.41 -4.72
CA ALA A 57 35.75 2.55 -5.52
C ALA A 57 34.23 2.67 -5.44
N VAL A 58 33.75 3.90 -5.51
CA VAL A 58 32.36 4.18 -5.20
C VAL A 58 31.82 5.23 -6.17
N ASN A 59 30.51 5.21 -6.42
CA ASN A 59 29.88 6.21 -7.27
C ASN A 59 28.45 6.45 -6.80
N TYR A 60 28.17 7.67 -6.35
CA TYR A 60 26.87 8.01 -5.78
C TYR A 60 26.09 8.94 -6.69
N ALA A 61 24.77 8.82 -6.66
CA ALA A 61 23.91 9.76 -7.36
C ALA A 61 24.03 11.15 -6.74
N ARG A 62 24.03 12.18 -7.58
CA ARG A 62 24.27 13.54 -7.14
C ARG A 62 23.44 13.96 -5.93
N LYS A 63 22.19 13.48 -5.84
CA LYS A 63 21.33 13.93 -4.75
C LYS A 63 21.73 13.34 -3.41
N PHE A 64 22.49 12.26 -3.42
CA PHE A 64 22.89 11.63 -2.17
C PHE A 64 24.32 11.99 -1.75
N GLN A 65 25.06 12.64 -2.65
CA GLN A 65 26.45 12.99 -2.36
C GLN A 65 26.56 13.84 -1.11
N GLY A 66 27.33 13.36 -0.15
CA GLY A 66 27.57 14.09 1.08
C GLY A 66 26.85 13.50 2.27
N ARG A 67 25.82 12.71 1.98
CA ARG A 67 24.96 12.18 3.02
C ARG A 67 24.99 10.66 3.07
N VAL A 68 25.63 10.04 2.09
CA VAL A 68 25.62 8.58 1.96
C VAL A 68 27.04 8.02 1.89
N THR A 69 27.23 6.82 2.42
CA THR A 69 28.53 6.16 2.36
C THR A 69 28.39 4.68 2.09
N MET A 70 29.05 4.20 1.05
CA MET A 70 29.07 2.78 0.77
C MET A 70 30.42 2.16 1.11
N THR A 71 30.37 0.97 1.70
CA THR A 71 31.57 0.26 2.11
C THR A 71 31.31 -1.23 2.01
N ARG A 72 32.38 -2.01 1.96
CA ARG A 72 32.22 -3.45 1.93
C ARG A 72 33.17 -4.09 2.92
N ASP A 73 32.90 -5.36 3.24
CA ASP A 73 33.78 -6.15 4.09
C ASP A 73 34.15 -7.42 3.33
N VAL A 74 35.34 -7.45 2.75
CA VAL A 74 35.75 -8.59 1.93
C VAL A 74 35.92 -9.89 2.72
N TYR A 75 36.01 -9.78 4.04
CA TYR A 75 36.07 -10.95 4.91
C TYR A 75 34.77 -11.75 4.89
N SER A 76 33.68 -11.09 4.53
CA SER A 76 32.35 -11.70 4.64
C SER A 76 31.47 -11.51 3.39
N ASP A 77 32.03 -10.95 2.34
CA ASP A 77 31.29 -10.71 1.12
C ASP A 77 30.07 -9.85 1.40
N THR A 78 30.25 -8.87 2.29
CA THR A 78 29.13 -7.99 2.65
C THR A 78 29.37 -6.56 2.21
N ALA A 79 28.34 -5.95 1.62
CA ALA A 79 28.37 -4.56 1.25
C ALA A 79 27.45 -3.77 2.17
N PHE A 80 27.84 -2.54 2.51
CA PHE A 80 27.09 -1.74 3.46
C PHE A 80 26.63 -0.43 2.87
N LEU A 81 25.39 -0.05 3.19
CA LEU A 81 24.89 1.26 2.82
C LEU A 81 24.57 2.03 4.09
N GLU A 82 25.15 3.21 4.21
CA GLU A 82 24.87 4.08 5.33
C GLU A 82 24.31 5.41 4.84
N LEU A 83 23.18 5.82 5.42
CA LEU A 83 22.54 7.08 5.04
C LEU A 83 22.30 7.94 6.27
N ARG A 84 22.74 9.19 6.21
CA ARG A 84 22.71 10.10 7.35
C ARG A 84 21.63 11.18 7.23
N SER A 85 21.42 11.92 8.31
CA SER A 85 20.45 13.03 8.34
C SER A 85 19.11 12.65 7.71
N LEU A 86 18.54 11.54 8.16
CA LEU A 86 17.31 11.00 7.58
C LEU A 86 16.12 11.92 7.73
N THR A 87 15.21 11.84 6.76
CA THR A 87 13.91 12.52 6.85
C THR A 87 12.84 11.59 6.27
N SER A 88 11.58 11.97 6.45
CA SER A 88 10.49 11.15 5.94
C SER A 88 10.66 10.80 4.46
N ASP A 89 11.27 11.70 3.69
CA ASP A 89 11.53 11.45 2.26
C ASP A 89 12.47 10.28 2.02
N ASP A 90 13.08 9.77 3.08
CA ASP A 90 13.99 8.65 2.96
C ASP A 90 13.25 7.33 3.22
N THR A 91 11.97 7.43 3.53
CA THR A 91 11.13 6.25 3.71
C THR A 91 10.97 5.48 2.41
N ALA A 92 11.36 4.21 2.42
CA ALA A 92 11.27 3.38 1.22
C ALA A 92 11.83 2.00 1.49
N VAL A 93 11.67 1.10 0.53
CA VAL A 93 12.33 -0.19 0.61
C VAL A 93 13.68 -0.09 -0.09
N TYR A 94 14.74 -0.43 0.64
CA TYR A 94 16.09 -0.37 0.11
C TYR A 94 16.59 -1.73 -0.41
N PHE A 95 16.90 -1.79 -1.70
CA PHE A 95 17.40 -3.02 -2.32
C PHE A 95 18.86 -2.90 -2.73
N CYS A 96 19.59 -4.01 -2.66
CA CYS A 96 20.90 -4.09 -3.33
C CYS A 96 20.73 -4.94 -4.58
N THR A 97 21.49 -4.63 -5.62
CA THR A 97 21.37 -5.35 -6.89
C THR A 97 22.73 -5.65 -7.52
N ARG A 98 22.73 -6.57 -8.46
CA ARG A 98 23.93 -6.92 -9.20
C ARG A 98 23.59 -7.12 -10.66
N GLY A 99 24.52 -6.74 -11.53
CA GLY A 99 24.32 -6.89 -12.96
C GLY A 99 24.24 -8.35 -13.35
N LYS A 100 23.79 -8.59 -14.58
CA LYS A 100 23.63 -9.95 -15.08
C LYS A 100 24.96 -10.56 -15.50
N TYR A 101 25.69 -9.85 -16.35
CA TYR A 101 26.98 -10.36 -16.83
C TYR A 101 28.10 -10.06 -15.83
N CYS A 102 28.69 -11.14 -15.28
CA CYS A 102 29.80 -11.02 -14.35
C CYS A 102 30.66 -12.27 -14.42
N THR A 103 31.91 -12.09 -14.82
CA THR A 103 32.89 -13.16 -14.79
C THR A 103 34.15 -12.64 -14.11
N ALA A 104 35.19 -13.46 -14.06
CA ALA A 104 36.46 -13.06 -13.48
C ALA A 104 37.17 -12.02 -14.35
N ARG A 105 36.80 -11.96 -15.63
CA ARG A 105 37.46 -11.07 -16.57
C ARG A 105 36.71 -9.74 -16.73
N ASP A 106 35.40 -9.80 -16.92
CA ASP A 106 34.63 -8.59 -17.18
C ASP A 106 33.22 -8.67 -16.57
N TYR A 107 32.48 -7.58 -16.69
CA TYR A 107 31.11 -7.51 -16.19
C TYR A 107 30.33 -6.40 -16.91
N TYR A 108 29.03 -6.35 -16.66
CA TYR A 108 28.20 -5.23 -17.10
C TYR A 108 27.18 -4.93 -16.02
N ASN A 109 27.12 -3.68 -15.59
CA ASN A 109 26.43 -3.34 -14.34
C ASN A 109 24.91 -3.15 -14.41
N TRP A 110 24.38 -2.83 -15.58
CA TRP A 110 23.08 -2.16 -15.65
C TRP A 110 21.85 -3.00 -15.98
N ASP A 111 22.05 -4.26 -16.30
CA ASP A 111 20.93 -5.20 -16.39
C ASP A 111 20.82 -5.93 -15.05
N PHE A 112 19.91 -5.44 -14.20
CA PHE A 112 19.85 -5.90 -12.81
C PHE A 112 19.13 -7.25 -12.68
N GLU A 113 19.88 -8.32 -12.90
CA GLU A 113 19.36 -9.67 -12.85
C GLU A 113 19.10 -10.08 -11.42
N HIS A 114 19.89 -9.55 -10.50
CA HIS A 114 19.88 -10.05 -9.13
C HIS A 114 19.54 -8.97 -8.10
N TRP A 115 18.46 -9.21 -7.37
CA TRP A 115 18.00 -8.27 -6.36
C TRP A 115 17.97 -8.97 -5.01
N GLY A 116 18.25 -8.22 -3.96
CA GLY A 116 18.01 -8.70 -2.61
C GLY A 116 16.53 -8.60 -2.33
N ARG A 117 16.08 -9.21 -1.24
CA ARG A 117 14.65 -9.22 -0.95
C ARG A 117 14.15 -7.87 -0.45
N GLY A 118 15.08 -6.98 -0.10
CA GLY A 118 14.72 -5.62 0.25
C GLY A 118 14.68 -5.36 1.73
N ALA A 119 15.04 -4.15 2.12
CA ALA A 119 14.92 -3.73 3.50
C ALA A 119 14.01 -2.51 3.61
N PRO A 120 12.82 -2.69 4.20
CA PRO A 120 11.86 -1.59 4.37
C PRO A 120 12.31 -0.66 5.49
N VAL A 121 12.48 0.61 5.19
CA VAL A 121 12.87 1.60 6.18
C VAL A 121 11.83 2.71 6.25
N THR A 122 11.30 2.95 7.44
CA THR A 122 10.37 4.05 7.62
C THR A 122 10.96 5.10 8.56
N VAL A 123 11.03 6.33 8.07
CA VAL A 123 11.49 7.45 8.88
C VAL A 123 10.29 8.28 9.31
N SER A 124 10.01 8.28 10.60
CA SER A 124 8.90 9.02 11.16
C SER A 124 9.23 9.55 12.54
N SER A 125 8.67 10.69 12.90
CA SER A 125 8.93 11.28 14.21
C SER A 125 8.00 10.70 15.26
N ALA A 126 7.10 9.81 14.83
CA ALA A 126 6.16 9.17 15.73
C ALA A 126 6.84 8.04 16.49
N SER A 127 6.38 7.81 17.72
CA SER A 127 6.88 6.69 18.52
C SER A 127 5.82 5.60 18.53
N THR A 128 6.26 4.35 18.58
CA THR A 128 5.33 3.23 18.52
C THR A 128 4.22 3.42 19.55
N LYS A 129 2.99 3.17 19.16
CA LYS A 129 1.86 3.42 20.04
C LYS A 129 0.70 2.45 19.81
N GLY A 130 0.29 1.78 20.88
CA GLY A 130 -0.86 0.91 20.82
C GLY A 130 -2.12 1.69 20.43
N PRO A 131 -3.00 1.04 19.65
CA PRO A 131 -4.21 1.71 19.15
C PRO A 131 -5.29 1.82 20.22
N SER A 132 -6.28 2.65 19.96
CA SER A 132 -7.52 2.67 20.74
C SER A 132 -8.57 1.99 19.89
N VAL A 133 -9.33 1.08 20.49
CA VAL A 133 -10.37 0.37 19.75
C VAL A 133 -11.75 0.83 20.17
N PHE A 134 -12.54 1.29 19.20
CA PHE A 134 -13.86 1.82 19.47
C PHE A 134 -14.94 1.05 18.74
N PRO A 135 -16.08 0.82 19.42
CA PRO A 135 -17.20 0.08 18.84
C PRO A 135 -17.88 0.88 17.75
N LEU A 136 -18.12 0.25 16.61
CA LEU A 136 -19.01 0.82 15.61
C LEU A 136 -20.34 0.07 15.69
N ALA A 137 -21.15 0.44 16.68
CA ALA A 137 -22.37 -0.30 16.98
C ALA A 137 -23.40 -0.23 15.86
N PRO A 138 -24.19 -1.31 15.73
CA PRO A 138 -25.29 -1.36 14.76
C PRO A 138 -26.52 -0.68 15.33
N SER A 139 -27.44 -0.27 14.47
CA SER A 139 -28.68 0.35 14.91
C SER A 139 -29.68 0.38 13.76
N SER A 140 -30.56 1.38 13.79
CA SER A 140 -31.51 1.58 12.70
C SER A 140 -30.80 2.30 11.55
N LYS A 141 -29.69 2.96 11.88
CA LYS A 141 -28.88 3.65 10.88
C LYS A 141 -27.85 2.71 10.29
N SER A 142 -27.96 1.42 10.61
CA SER A 142 -27.13 0.38 10.01
C SER A 142 -27.90 -0.94 9.88
N THR A 143 -29.22 -0.85 9.84
CA THR A 143 -30.07 -2.02 9.62
C THR A 143 -30.89 -1.82 8.35
N SER A 144 -30.44 -2.44 7.25
CA SER A 144 -31.15 -2.35 5.99
C SER A 144 -32.23 -3.42 5.87
N GLY A 145 -33.33 -3.22 6.60
CA GLY A 145 -34.46 -4.13 6.54
C GLY A 145 -34.21 -5.45 7.25
N GLY A 146 -33.36 -6.29 6.65
CA GLY A 146 -33.09 -7.61 7.17
C GLY A 146 -31.63 -7.89 7.47
N THR A 147 -30.74 -7.08 6.90
CA THR A 147 -29.31 -7.25 7.13
C THR A 147 -28.66 -6.00 7.75
N ALA A 148 -27.83 -6.23 8.77
CA ALA A 148 -27.25 -5.13 9.54
C ALA A 148 -25.73 -5.05 9.40
N ALA A 149 -25.16 -3.98 9.92
CA ALA A 149 -23.71 -3.80 9.87
C ALA A 149 -23.16 -3.26 11.19
N LEU A 150 -22.01 -3.77 11.58
CA LEU A 150 -21.32 -3.31 12.78
C LEU A 150 -19.81 -3.43 12.55
N GLY A 151 -19.01 -2.86 13.46
CA GLY A 151 -17.58 -2.90 13.27
C GLY A 151 -16.75 -2.35 14.41
N CYS A 152 -15.49 -2.04 14.10
CA CYS A 152 -14.54 -1.55 15.08
C CYS A 152 -13.64 -0.51 14.45
N LEU A 153 -13.39 0.58 15.18
CA LEU A 153 -12.48 1.61 14.72
C LEU A 153 -11.19 1.49 15.51
N VAL A 154 -10.10 1.21 14.80
CA VAL A 154 -8.79 1.03 15.43
C VAL A 154 -7.95 2.28 15.21
N LYS A 155 -8.00 3.20 16.16
CA LYS A 155 -7.48 4.55 15.94
C LYS A 155 -6.15 4.84 16.63
N ASP A 156 -5.34 5.66 15.97
CA ASP A 156 -4.11 6.22 16.55
C ASP A 156 -3.09 5.18 17.02
N TYR A 157 -2.61 4.36 16.10
CA TYR A 157 -1.53 3.42 16.42
C TYR A 157 -0.34 3.63 15.48
N PHE A 158 0.81 3.12 15.90
CA PHE A 158 2.02 3.22 15.12
C PHE A 158 3.05 2.22 15.64
N PRO A 159 3.79 1.56 14.73
CA PRO A 159 3.60 1.65 13.28
C PRO A 159 2.62 0.59 12.81
N GLU A 160 2.56 0.39 11.50
CA GLU A 160 1.86 -0.76 10.93
C GLU A 160 2.61 -2.00 11.38
N PRO A 161 1.94 -3.16 11.32
CA PRO A 161 0.51 -3.27 11.04
C PRO A 161 -0.24 -3.74 12.28
N VAL A 162 -1.56 -3.80 12.20
CA VAL A 162 -2.34 -4.48 13.22
C VAL A 162 -3.12 -5.58 12.53
N THR A 163 -3.43 -6.65 13.26
CA THR A 163 -4.31 -7.68 12.73
C THR A 163 -5.66 -7.64 13.43
N VAL A 164 -6.72 -7.83 12.66
CA VAL A 164 -8.06 -7.81 13.19
C VAL A 164 -8.85 -9.04 12.77
N SER A 165 -9.57 -9.63 13.72
CA SER A 165 -10.42 -10.77 13.43
C SER A 165 -11.68 -10.68 14.28
N TRP A 166 -12.70 -11.44 13.90
CA TRP A 166 -13.96 -11.44 14.61
C TRP A 166 -14.24 -12.79 15.23
N ASN A 167 -14.62 -12.79 16.50
CA ASN A 167 -14.87 -14.02 17.24
C ASN A 167 -13.71 -15.00 17.09
N SER A 168 -12.50 -14.49 17.32
CA SER A 168 -11.30 -15.31 17.26
C SER A 168 -11.20 -16.08 15.95
N GLY A 169 -11.66 -15.47 14.87
CA GLY A 169 -11.57 -16.09 13.56
C GLY A 169 -12.80 -16.88 13.17
N ALA A 170 -13.63 -17.20 14.16
CA ALA A 170 -14.87 -17.91 13.90
C ALA A 170 -15.67 -17.22 12.80
N LEU A 171 -15.87 -15.91 12.96
CA LEU A 171 -16.60 -15.12 11.98
C LEU A 171 -15.66 -14.60 10.89
N THR A 172 -16.00 -14.90 9.64
CA THR A 172 -15.14 -14.53 8.51
C THR A 172 -15.97 -14.08 7.32
N SER A 173 -17.19 -14.58 7.23
CA SER A 173 -18.08 -14.22 6.14
C SER A 173 -18.61 -12.81 6.31
N GLY A 174 -18.59 -12.04 5.23
CA GLY A 174 -19.13 -10.68 5.24
C GLY A 174 -18.25 -9.68 5.95
N VAL A 175 -17.06 -10.13 6.33
CA VAL A 175 -16.11 -9.26 7.04
C VAL A 175 -15.23 -8.48 6.07
N HIS A 176 -15.19 -7.16 6.26
CA HIS A 176 -14.31 -6.30 5.48
C HIS A 176 -13.40 -5.52 6.42
N THR A 177 -12.12 -5.89 6.44
CA THR A 177 -11.13 -5.10 7.16
C THR A 177 -10.40 -4.21 6.17
N PHE A 178 -10.43 -2.90 6.43
CA PHE A 178 -9.94 -1.93 5.46
C PHE A 178 -8.48 -1.59 5.64
N PRO A 179 -7.83 -1.18 4.55
CA PRO A 179 -6.47 -0.62 4.58
C PRO A 179 -6.39 0.59 5.50
N ALA A 180 -5.43 0.58 6.42
CA ALA A 180 -5.22 1.71 7.30
C ALA A 180 -4.90 2.97 6.51
N VAL A 181 -5.21 4.12 7.10
CA VAL A 181 -4.86 5.41 6.53
C VAL A 181 -3.92 6.11 7.50
N LEU A 182 -3.08 6.99 6.96
CA LEU A 182 -2.14 7.73 7.78
C LEU A 182 -2.69 9.12 8.07
N GLN A 183 -2.73 9.50 9.34
CA GLN A 183 -3.32 10.77 9.74
C GLN A 183 -2.27 11.87 9.90
N SER A 184 -2.72 13.12 9.93
CA SER A 184 -1.85 14.25 10.19
C SER A 184 -0.94 13.94 11.37
N SER A 185 -1.53 13.42 12.43
CA SER A 185 -0.81 13.11 13.66
C SER A 185 0.44 12.25 13.43
N GLY A 186 0.52 11.62 12.25
CA GLY A 186 1.58 10.67 11.99
C GLY A 186 1.20 9.28 12.44
N LEU A 187 0.01 9.15 13.04
CA LEU A 187 -0.48 7.86 13.52
C LEU A 187 -1.46 7.22 12.55
N TYR A 188 -1.56 5.90 12.59
CA TYR A 188 -2.47 5.18 11.69
C TYR A 188 -3.86 5.02 12.30
N SER A 189 -4.82 4.74 11.43
CA SER A 189 -6.18 4.42 11.84
C SER A 189 -6.84 3.52 10.80
N LEU A 190 -7.52 2.48 11.26
CA LEU A 190 -8.25 1.62 10.34
C LEU A 190 -9.56 1.15 10.96
N SER A 191 -10.44 0.66 10.10
CA SER A 191 -11.71 0.11 10.55
C SER A 191 -11.90 -1.29 10.00
N SER A 192 -12.61 -2.11 10.76
CA SER A 192 -13.03 -3.41 10.30
C SER A 192 -14.53 -3.50 10.53
N VAL A 193 -15.25 -4.00 9.53
CA VAL A 193 -16.69 -4.10 9.64
C VAL A 193 -17.17 -5.47 9.18
N VAL A 194 -18.39 -5.81 9.56
CA VAL A 194 -18.99 -7.05 9.12
C VAL A 194 -20.50 -6.90 9.10
N THR A 195 -21.12 -7.35 8.00
CA THR A 195 -22.57 -7.33 7.90
C THR A 195 -23.13 -8.68 8.36
N VAL A 196 -24.29 -8.61 9.01
CA VAL A 196 -24.93 -9.78 9.56
C VAL A 196 -26.44 -9.58 9.50
N PRO A 197 -27.22 -10.65 9.75
CA PRO A 197 -28.67 -10.49 9.82
C PRO A 197 -29.06 -9.69 11.06
N SER A 198 -29.81 -8.60 10.87
CA SER A 198 -30.25 -7.79 12.00
C SER A 198 -31.01 -8.68 13.00
N SER A 199 -31.50 -9.80 12.50
CA SER A 199 -32.19 -10.79 13.33
C SER A 199 -31.29 -11.36 14.41
N SER A 200 -30.00 -11.44 14.12
CA SER A 200 -29.04 -12.06 15.03
C SER A 200 -28.59 -11.13 16.15
N LEU A 201 -28.68 -9.82 15.93
CA LEU A 201 -28.25 -8.85 16.93
C LEU A 201 -28.75 -9.21 18.32
N GLY A 202 -30.00 -9.62 18.41
CA GLY A 202 -30.60 -9.97 19.68
C GLY A 202 -29.89 -11.12 20.37
N THR A 203 -29.54 -12.15 19.61
CA THR A 203 -28.96 -13.35 20.19
C THR A 203 -27.43 -13.37 20.08
N GLN A 204 -26.93 -13.48 18.86
CA GLN A 204 -25.50 -13.65 18.61
C GLN A 204 -24.65 -12.49 19.15
N THR A 205 -23.51 -12.84 19.72
CA THR A 205 -22.60 -11.84 20.27
C THR A 205 -21.37 -11.64 19.39
N TYR A 206 -21.04 -10.39 19.10
CA TYR A 206 -19.94 -10.07 18.18
C TYR A 206 -18.77 -9.37 18.85
N ILE A 207 -17.58 -9.94 18.71
CA ILE A 207 -16.38 -9.38 19.31
C ILE A 207 -15.26 -9.24 18.28
N CYS A 208 -14.67 -8.05 18.20
CA CYS A 208 -13.55 -7.84 17.31
C CYS A 208 -12.24 -8.04 18.05
N ASN A 209 -11.30 -8.71 17.40
CA ASN A 209 -10.03 -9.04 18.02
C ASN A 209 -8.87 -8.29 17.36
N VAL A 210 -8.37 -7.28 18.06
CA VAL A 210 -7.29 -6.46 17.54
C VAL A 210 -5.98 -6.80 18.21
N ASN A 211 -4.95 -7.02 17.41
CA ASN A 211 -3.62 -7.27 17.92
C ASN A 211 -2.61 -6.38 17.23
N HIS A 212 -1.81 -5.68 18.02
CA HIS A 212 -0.77 -4.79 17.50
C HIS A 212 0.56 -5.23 18.11
N LYS A 213 1.27 -6.09 17.40
CA LYS A 213 2.50 -6.68 17.92
C LYS A 213 3.58 -5.65 18.31
N PRO A 214 3.86 -4.68 17.43
CA PRO A 214 4.88 -3.66 17.71
C PRO A 214 4.81 -3.10 19.13
N SER A 215 3.60 -2.89 19.65
CA SER A 215 3.45 -2.33 20.98
C SER A 215 3.06 -3.42 21.98
N ASN A 216 3.02 -4.65 21.49
CA ASN A 216 2.59 -5.79 22.29
C ASN A 216 1.32 -5.48 23.08
N THR A 217 0.29 -5.05 22.36
CA THR A 217 -1.02 -4.82 22.96
C THR A 217 -2.10 -5.63 22.23
N LYS A 218 -3.03 -6.19 22.98
CA LYS A 218 -4.07 -7.02 22.41
C LYS A 218 -5.42 -6.67 23.04
N VAL A 219 -6.37 -6.26 22.21
CA VAL A 219 -7.67 -5.84 22.73
C VAL A 219 -8.83 -6.61 22.11
N ASP A 220 -9.79 -6.98 22.96
CA ASP A 220 -11.03 -7.58 22.49
C ASP A 220 -12.21 -6.72 22.91
N LYS A 221 -12.72 -5.92 21.99
CA LYS A 221 -13.85 -5.04 22.27
C LYS A 221 -15.15 -5.71 21.84
N ARG A 222 -16.12 -5.79 22.75
CA ARG A 222 -17.42 -6.30 22.39
C ARG A 222 -18.23 -5.21 21.71
N VAL A 223 -18.86 -5.56 20.59
CA VAL A 223 -19.67 -4.60 19.85
C VAL A 223 -21.12 -5.06 19.83
N GLU A 224 -21.98 -4.29 20.51
CA GLU A 224 -23.38 -4.65 20.63
C GLU A 224 -24.26 -3.44 20.32
N PRO A 225 -25.57 -3.69 20.13
CA PRO A 225 -26.53 -2.59 19.92
C PRO A 225 -26.64 -1.73 21.16
N LYS A 226 -26.59 -0.41 20.99
CA LYS A 226 -26.80 0.51 22.10
C LYS A 226 -28.13 0.21 22.78
N SER A 227 -28.11 0.16 24.11
CA SER A 227 -29.31 -0.12 24.88
C SER A 227 -30.13 1.15 25.08
N CYS A 228 -31.39 1.10 24.63
CA CYS A 228 -32.26 2.27 24.71
C CYS A 228 -33.46 1.96 25.60
N ASP A 229 -33.26 2.02 26.91
CA ASP A 229 -34.30 1.70 27.89
C ASP A 229 -34.80 0.27 27.72
N GLU B 1 20.90 13.96 -17.79
CA GLU B 1 20.20 12.77 -17.30
C GLU B 1 19.25 12.20 -18.34
N ILE B 2 18.83 10.97 -18.14
CA ILE B 2 17.83 10.35 -19.00
C ILE B 2 16.45 10.42 -18.31
N VAL B 3 15.43 10.88 -19.04
CA VAL B 3 14.08 10.84 -18.49
C VAL B 3 13.28 9.72 -19.13
N LEU B 4 12.62 8.94 -18.29
CA LEU B 4 11.78 7.85 -18.75
C LEU B 4 10.37 8.10 -18.27
N THR B 5 9.42 8.12 -19.20
CA THR B 5 8.04 8.37 -18.85
C THR B 5 7.17 7.19 -19.28
N GLN B 6 6.50 6.57 -18.32
CA GLN B 6 5.69 5.39 -18.59
C GLN B 6 4.23 5.76 -18.65
N SER B 7 3.47 5.01 -19.43
CA SER B 7 2.02 5.15 -19.43
C SER B 7 1.37 3.82 -19.78
N PRO B 8 0.15 3.60 -19.29
CA PRO B 8 -0.53 4.54 -18.42
C PRO B 8 0.00 4.44 -16.98
N ALA B 9 -0.59 5.18 -16.07
CA ALA B 9 -0.25 5.06 -14.66
C ALA B 9 -0.77 3.75 -14.11
N THR B 10 -2.03 3.45 -14.43
CA THR B 10 -2.70 2.25 -13.94
C THR B 10 -3.38 1.50 -15.07
N LEU B 11 -3.31 0.17 -15.01
CA LEU B 11 -3.95 -0.67 -16.01
C LEU B 11 -4.78 -1.73 -15.29
N SER B 12 -6.09 -1.73 -15.52
CA SER B 12 -7.00 -2.67 -14.84
C SER B 12 -7.55 -3.72 -15.80
N LEU B 13 -7.17 -4.97 -15.59
CA LEU B 13 -7.52 -6.04 -16.50
C LEU B 13 -7.91 -7.32 -15.78
N SER B 14 -8.55 -8.23 -16.50
CA SER B 14 -8.82 -9.56 -15.98
C SER B 14 -7.82 -10.56 -16.53
N PRO B 15 -7.48 -11.59 -15.74
CA PRO B 15 -6.55 -12.62 -16.21
C PRO B 15 -7.02 -13.19 -17.54
N GLY B 16 -6.08 -13.41 -18.46
CA GLY B 16 -6.41 -13.94 -19.77
C GLY B 16 -6.36 -12.86 -20.84
N GLU B 17 -6.52 -11.61 -20.40
CA GLU B 17 -6.41 -10.48 -21.31
C GLU B 17 -4.93 -10.16 -21.49
N THR B 18 -4.61 -9.21 -22.36
CA THR B 18 -3.21 -8.87 -22.56
C THR B 18 -2.90 -7.42 -22.16
N ALA B 19 -1.82 -7.26 -21.41
CA ALA B 19 -1.41 -5.95 -20.93
C ALA B 19 -0.41 -5.32 -21.88
N ILE B 20 -0.59 -4.03 -22.14
CA ILE B 20 0.34 -3.29 -22.98
C ILE B 20 0.70 -1.98 -22.31
N ILE B 21 1.98 -1.81 -22.02
CA ILE B 21 2.45 -0.60 -21.35
C ILE B 21 3.68 -0.01 -22.03
N SER B 22 3.83 1.31 -21.93
CA SER B 22 4.79 2.04 -22.74
C SER B 22 5.80 2.84 -21.94
N CYS B 23 6.99 3.00 -22.50
CA CYS B 23 8.01 3.86 -21.92
C CYS B 23 8.56 4.74 -23.02
N ARG B 24 8.54 6.05 -22.79
CA ARG B 24 9.23 6.96 -23.68
C ARG B 24 10.52 7.42 -23.02
N THR B 25 11.62 7.32 -23.75
CA THR B 25 12.93 7.66 -23.19
C THR B 25 13.57 8.85 -23.93
N SER B 26 14.44 9.57 -23.24
CA SER B 26 15.00 10.80 -23.78
C SER B 26 16.28 10.60 -24.59
N GLN B 27 16.76 9.36 -24.68
CA GLN B 27 17.91 9.08 -25.54
C GLN B 27 18.11 7.59 -25.80
N SER B 28 18.69 7.28 -26.94
CA SER B 28 18.92 5.88 -27.32
C SER B 28 19.79 5.20 -26.27
N GLY B 29 19.44 3.96 -25.94
CA GLY B 29 20.14 3.21 -24.94
C GLY B 29 19.56 1.82 -24.80
N SER B 30 20.08 1.05 -23.86
CA SER B 30 19.61 -0.30 -23.60
C SER B 30 18.52 -0.24 -22.53
N LEU B 31 17.30 -0.59 -22.91
CA LEU B 31 16.16 -0.44 -22.01
C LEU B 31 15.68 -1.77 -21.49
N ALA B 32 15.51 -1.84 -20.17
CA ALA B 32 15.02 -3.04 -19.51
C ALA B 32 13.68 -2.78 -18.82
N TRP B 33 12.95 -3.86 -18.56
CA TRP B 33 11.70 -3.80 -17.82
C TRP B 33 11.81 -4.64 -16.56
N TYR B 34 11.23 -4.16 -15.47
CA TYR B 34 11.19 -4.93 -14.23
C TYR B 34 9.77 -5.06 -13.72
N GLN B 35 9.46 -6.21 -13.14
CA GLN B 35 8.15 -6.43 -12.52
C GLN B 35 8.27 -6.51 -11.02
N GLN B 36 7.42 -5.78 -10.33
CA GLN B 36 7.34 -5.89 -8.89
C GLN B 36 6.00 -6.47 -8.43
N ARG B 37 6.00 -7.73 -8.00
CA ARG B 37 4.83 -8.31 -7.40
C ARG B 37 4.61 -7.69 -6.02
N PRO B 38 3.36 -7.58 -5.58
CA PRO B 38 3.08 -6.94 -4.29
C PRO B 38 3.95 -7.48 -3.17
N GLY B 39 4.65 -6.59 -2.49
CA GLY B 39 5.46 -6.94 -1.33
C GLY B 39 6.69 -7.76 -1.66
N GLN B 40 6.99 -7.89 -2.95
CA GLN B 40 8.12 -8.68 -3.40
C GLN B 40 9.20 -7.80 -4.00
N ALA B 41 10.37 -8.39 -4.25
CA ALA B 41 11.46 -7.69 -4.90
C ALA B 41 11.21 -7.64 -6.40
N PRO B 42 11.65 -6.56 -7.06
CA PRO B 42 11.51 -6.51 -8.51
C PRO B 42 12.29 -7.65 -9.17
N ARG B 43 11.86 -8.08 -10.34
CA ARG B 43 12.61 -9.09 -11.09
C ARG B 43 12.76 -8.59 -12.52
N LEU B 44 13.91 -8.89 -13.12
CA LEU B 44 14.17 -8.50 -14.50
C LEU B 44 13.32 -9.34 -15.44
N VAL B 45 12.64 -8.68 -16.36
CA VAL B 45 11.73 -9.36 -17.27
C VAL B 45 12.28 -9.36 -18.68
N ILE B 46 12.74 -8.20 -19.11
CA ILE B 46 13.23 -8.00 -20.46
C ILE B 46 14.35 -6.98 -20.42
N TYR B 47 15.38 -7.20 -21.22
CA TYR B 47 16.48 -6.26 -21.30
C TYR B 47 16.83 -5.99 -22.75
N SER B 48 17.52 -4.88 -23.01
CA SER B 48 17.84 -4.45 -24.36
C SER B 48 16.60 -4.38 -25.25
N GLY B 49 15.50 -3.89 -24.68
CA GLY B 49 14.29 -3.64 -25.44
C GLY B 49 13.41 -4.85 -25.66
N SER B 50 13.99 -5.96 -26.08
CA SER B 50 13.17 -7.11 -26.48
C SER B 50 13.72 -8.49 -26.09
N THR B 51 14.82 -8.53 -25.35
CA THR B 51 15.37 -9.82 -24.95
C THR B 51 14.84 -10.29 -23.60
N ARG B 52 14.25 -11.47 -23.57
CA ARG B 52 13.67 -12.02 -22.35
C ARG B 52 14.74 -12.55 -21.40
N ALA B 53 14.56 -12.28 -20.11
CA ALA B 53 15.44 -12.82 -19.09
C ALA B 53 15.21 -14.32 -18.88
N ALA B 54 16.11 -14.97 -18.17
CA ALA B 54 15.98 -16.39 -17.89
C ALA B 54 14.68 -16.74 -17.17
N GLY B 55 13.96 -17.73 -17.70
CA GLY B 55 12.74 -18.22 -17.06
C GLY B 55 11.51 -17.38 -17.34
N ILE B 56 11.64 -16.41 -18.24
CA ILE B 56 10.50 -15.57 -18.62
C ILE B 56 9.79 -16.16 -19.84
N PRO B 57 8.49 -16.43 -19.71
CA PRO B 57 7.66 -17.07 -20.74
C PRO B 57 7.49 -16.14 -21.94
N ASP B 58 7.20 -16.69 -23.11
CA ASP B 58 7.08 -15.89 -24.32
C ASP B 58 5.85 -14.98 -24.32
N ARG B 59 5.03 -15.10 -23.28
CA ARG B 59 3.86 -14.24 -23.12
C ARG B 59 4.31 -12.79 -22.97
N PHE B 60 5.53 -12.62 -22.45
CA PHE B 60 6.14 -11.30 -22.34
C PHE B 60 6.95 -11.01 -23.60
N SER B 61 6.66 -9.87 -24.24
CA SER B 61 7.49 -9.42 -25.35
C SER B 61 7.57 -7.91 -25.36
N GLY B 62 8.73 -7.40 -25.77
CA GLY B 62 8.95 -5.98 -25.84
C GLY B 62 9.29 -5.58 -27.25
N SER B 63 8.81 -4.41 -27.67
CA SER B 63 9.14 -3.89 -28.99
C SER B 63 9.52 -2.42 -28.88
N ARG B 64 10.10 -1.89 -29.95
CA ARG B 64 10.62 -0.54 -29.91
C ARG B 64 10.38 0.17 -31.24
N TRP B 65 9.99 1.43 -31.16
CA TRP B 65 9.90 2.28 -32.35
C TRP B 65 10.50 3.62 -32.01
N GLY B 66 11.80 3.77 -32.29
CA GLY B 66 12.52 4.96 -31.92
C GLY B 66 12.66 5.05 -30.40
N ALA B 67 12.15 6.15 -29.85
CA ALA B 67 12.26 6.41 -28.42
C ALA B 67 11.15 5.72 -27.61
N ASP B 68 10.21 5.09 -28.30
CA ASP B 68 9.07 4.49 -27.64
C ASP B 68 9.10 2.97 -27.55
N TYR B 69 9.03 2.46 -26.32
CA TYR B 69 9.05 1.03 -26.05
C TYR B 69 7.71 0.56 -25.50
N ASN B 70 7.24 -0.59 -25.99
CA ASN B 70 6.07 -1.23 -25.42
C ASN B 70 6.43 -2.56 -24.78
N LEU B 71 5.86 -2.82 -23.60
CA LEU B 71 5.94 -4.15 -23.01
C LEU B 71 4.56 -4.77 -23.02
N SER B 72 4.43 -5.91 -23.68
CA SER B 72 3.13 -6.58 -23.71
C SER B 72 3.20 -7.93 -22.99
N ILE B 73 2.20 -8.16 -22.16
CA ILE B 73 2.06 -9.43 -21.46
C ILE B 73 0.76 -10.07 -21.90
N SER B 74 0.88 -11.16 -22.64
CA SER B 74 -0.27 -11.85 -23.20
C SER B 74 -0.78 -12.88 -22.20
N ASN B 75 -2.08 -13.17 -22.26
CA ASN B 75 -2.67 -14.18 -21.39
C ASN B 75 -2.33 -13.99 -19.91
N LEU B 76 -2.54 -12.78 -19.41
CA LEU B 76 -2.27 -12.44 -18.02
C LEU B 76 -2.55 -13.58 -17.05
N GLU B 77 -1.61 -13.84 -16.15
CA GLU B 77 -1.79 -14.79 -15.06
C GLU B 77 -1.69 -14.06 -13.74
N SER B 78 -2.32 -14.60 -12.70
CA SER B 78 -2.33 -13.95 -11.39
C SER B 78 -0.95 -13.42 -10.98
N GLY B 79 0.10 -14.13 -11.36
CA GLY B 79 1.45 -13.75 -10.99
C GLY B 79 2.06 -12.63 -11.83
N ASP B 80 1.33 -12.15 -12.82
CA ASP B 80 1.83 -11.09 -13.70
C ASP B 80 1.42 -9.71 -13.20
N PHE B 81 0.49 -9.67 -12.26
CA PHE B 81 0.03 -8.39 -11.73
C PHE B 81 1.06 -7.82 -10.76
N GLY B 82 1.08 -6.50 -10.68
CA GLY B 82 2.05 -5.78 -9.87
C GLY B 82 2.36 -4.49 -10.60
N VAL B 83 3.47 -3.86 -10.25
CA VAL B 83 3.88 -2.66 -10.96
C VAL B 83 5.14 -2.91 -11.78
N TYR B 84 5.15 -2.38 -13.00
CA TYR B 84 6.25 -2.56 -13.92
C TYR B 84 7.03 -1.26 -14.10
N TYR B 85 8.36 -1.38 -14.15
CA TYR B 85 9.23 -0.22 -14.31
C TYR B 85 10.18 -0.42 -15.47
N CYS B 86 10.37 0.62 -16.26
CA CYS B 86 11.39 0.59 -17.29
C CYS B 86 12.66 1.23 -16.74
N GLN B 87 13.81 0.88 -17.32
CA GLN B 87 15.06 1.38 -16.80
C GLN B 87 16.12 1.51 -17.88
N GLN B 88 16.83 2.63 -17.87
CA GLN B 88 18.02 2.80 -18.69
C GLN B 88 19.16 3.32 -17.83
N TYR B 89 20.29 2.63 -17.87
CA TYR B 89 21.45 3.08 -17.12
C TYR B 89 21.03 3.34 -15.67
N GLU B 90 21.30 4.53 -15.16
CA GLU B 90 21.01 4.86 -13.77
C GLU B 90 19.55 5.24 -13.50
N PHE B 91 18.71 5.24 -14.53
CA PHE B 91 17.38 5.85 -14.39
C PHE B 91 16.18 4.92 -14.58
N PHE B 92 15.06 5.28 -13.94
CA PHE B 92 13.86 4.45 -13.94
C PHE B 92 12.62 5.25 -14.32
N GLY B 93 11.63 4.55 -14.86
CA GLY B 93 10.31 5.13 -15.06
C GLY B 93 9.60 5.26 -13.72
N GLN B 94 8.44 5.92 -13.71
CA GLN B 94 7.71 6.11 -12.46
C GLN B 94 6.83 4.89 -12.17
N GLY B 95 6.73 3.99 -13.13
CA GLY B 95 6.02 2.73 -12.94
C GLY B 95 4.58 2.71 -13.43
N THR B 96 4.13 1.52 -13.79
CA THR B 96 2.74 1.30 -14.17
C THR B 96 2.16 0.18 -13.32
N LYS B 97 1.10 0.48 -12.59
CA LYS B 97 0.46 -0.54 -11.78
C LYS B 97 -0.53 -1.35 -12.61
N VAL B 98 -0.20 -2.62 -12.84
CA VAL B 98 -1.10 -3.51 -13.55
C VAL B 98 -1.87 -4.35 -12.54
N GLN B 99 -3.17 -4.09 -12.44
CA GLN B 99 -3.99 -4.71 -11.39
C GLN B 99 -5.21 -5.43 -11.95
N VAL B 100 -5.67 -6.44 -11.22
CA VAL B 100 -6.79 -7.24 -11.67
C VAL B 100 -8.14 -6.58 -11.39
N ASP B 101 -8.94 -6.40 -12.44
CA ASP B 101 -10.35 -6.07 -12.27
C ASP B 101 -11.22 -7.04 -13.07
N ILE B 102 -12.07 -7.76 -12.35
CA ILE B 102 -12.97 -8.71 -12.98
C ILE B 102 -14.37 -8.10 -13.10
N LYS B 103 -14.92 -8.14 -14.31
CA LYS B 103 -16.22 -7.54 -14.59
C LYS B 103 -17.37 -8.34 -13.97
N ARG B 104 -18.37 -7.62 -13.48
CA ARG B 104 -19.62 -8.22 -13.03
C ARG B 104 -20.70 -7.20 -13.34
N THR B 105 -21.96 -7.56 -13.10
CA THR B 105 -23.03 -6.60 -13.30
C THR B 105 -22.94 -5.52 -12.24
N VAL B 106 -23.40 -4.32 -12.57
CA VAL B 106 -23.30 -3.20 -11.65
C VAL B 106 -24.07 -3.47 -10.36
N ALA B 107 -23.43 -3.18 -9.24
CA ALA B 107 -24.04 -3.37 -7.93
C ALA B 107 -23.91 -2.11 -7.09
N ALA B 108 -25.05 -1.51 -6.76
CA ALA B 108 -25.07 -0.31 -5.92
C ALA B 108 -24.55 -0.60 -4.52
N PRO B 109 -23.88 0.40 -3.90
CA PRO B 109 -23.37 0.28 -2.53
C PRO B 109 -24.51 0.14 -1.53
N SER B 110 -24.25 -0.54 -0.42
CA SER B 110 -25.12 -0.45 0.74
C SER B 110 -24.46 0.53 1.69
N VAL B 111 -25.18 1.56 2.10
CA VAL B 111 -24.59 2.62 2.88
C VAL B 111 -25.02 2.58 4.34
N PHE B 112 -24.05 2.57 5.23
CA PHE B 112 -24.32 2.60 6.67
C PHE B 112 -23.49 3.71 7.26
N ILE B 113 -24.06 4.41 8.24
CA ILE B 113 -23.32 5.46 8.92
C ILE B 113 -23.26 5.17 10.41
N PHE B 114 -22.10 5.46 11.01
CA PHE B 114 -21.87 5.16 12.42
C PHE B 114 -21.42 6.41 13.15
N PRO B 115 -22.18 6.79 14.19
CA PRO B 115 -21.81 7.94 15.02
C PRO B 115 -20.60 7.63 15.88
N PRO B 116 -19.97 8.66 16.45
CA PRO B 116 -18.85 8.43 17.39
C PRO B 116 -19.29 7.54 18.54
N SER B 117 -18.37 6.75 19.07
CA SER B 117 -18.68 5.91 20.23
C SER B 117 -18.59 6.76 21.49
N ASP B 118 -19.34 6.37 22.51
CA ASP B 118 -19.29 7.03 23.79
C ASP B 118 -17.87 6.96 24.34
N GLU B 119 -17.22 5.81 24.14
CA GLU B 119 -15.84 5.63 24.57
C GLU B 119 -14.94 6.70 23.98
N GLN B 120 -15.05 6.92 22.67
CA GLN B 120 -14.19 7.90 22.02
C GLN B 120 -14.49 9.32 22.49
N LEU B 121 -15.76 9.60 22.75
CA LEU B 121 -16.19 10.93 23.15
C LEU B 121 -15.65 11.33 24.52
N LYS B 122 -15.46 10.36 25.40
CA LYS B 122 -14.84 10.65 26.69
C LYS B 122 -13.52 11.39 26.51
N SER B 123 -12.97 11.34 25.30
CA SER B 123 -11.62 11.84 25.06
C SER B 123 -11.46 12.74 23.83
N GLY B 124 -12.01 13.94 23.92
CA GLY B 124 -11.65 15.04 23.03
C GLY B 124 -11.86 14.92 21.53
N THR B 125 -12.03 13.70 21.03
CA THR B 125 -12.15 13.50 19.59
C THR B 125 -13.44 12.79 19.19
N ALA B 126 -13.91 13.04 17.97
CA ALA B 126 -15.08 12.37 17.45
C ALA B 126 -14.83 11.90 16.02
N SER B 127 -14.97 10.61 15.80
CA SER B 127 -14.84 10.04 14.47
C SER B 127 -16.19 9.55 13.98
N VAL B 128 -16.58 10.01 12.79
CA VAL B 128 -17.79 9.52 12.16
C VAL B 128 -17.41 8.63 11.00
N VAL B 129 -18.02 7.46 10.91
CA VAL B 129 -17.64 6.49 9.89
C VAL B 129 -18.79 6.17 8.94
N CYS B 130 -18.51 6.23 7.64
CA CYS B 130 -19.49 5.88 6.62
C CYS B 130 -19.01 4.70 5.81
N LEU B 131 -19.84 3.66 5.74
CA LEU B 131 -19.48 2.44 5.02
C LEU B 131 -20.26 2.26 3.72
N LEU B 132 -19.53 2.04 2.63
CA LEU B 132 -20.13 1.66 1.36
C LEU B 132 -19.78 0.21 1.10
N ASN B 133 -20.75 -0.67 1.27
CA ASN B 133 -20.50 -2.11 1.24
C ASN B 133 -20.88 -2.79 -0.07
N ASN B 134 -19.95 -3.59 -0.59
CA ASN B 134 -20.21 -4.52 -1.69
C ASN B 134 -20.77 -3.93 -2.99
N PHE B 135 -20.02 -3.01 -3.60
CA PHE B 135 -20.46 -2.36 -4.83
C PHE B 135 -19.52 -2.64 -6.01
N TYR B 136 -20.03 -2.38 -7.21
CA TYR B 136 -19.23 -2.47 -8.43
C TYR B 136 -19.87 -1.60 -9.51
N PRO B 137 -19.04 -0.87 -10.27
CA PRO B 137 -17.58 -0.91 -10.24
C PRO B 137 -16.95 -0.11 -9.09
N ARG B 138 -15.63 0.03 -9.12
CA ARG B 138 -14.87 0.61 -8.02
C ARG B 138 -15.12 2.11 -7.82
N GLU B 139 -15.32 2.83 -8.91
CA GLU B 139 -15.51 4.27 -8.83
C GLU B 139 -16.72 4.62 -7.99
N ALA B 140 -16.49 5.39 -6.92
CA ALA B 140 -17.55 5.85 -6.04
C ALA B 140 -17.12 7.16 -5.41
N LYS B 141 -18.08 8.04 -5.15
CA LYS B 141 -17.81 9.34 -4.55
C LYS B 141 -18.52 9.48 -3.21
N VAL B 142 -17.78 9.88 -2.19
CA VAL B 142 -18.36 10.10 -0.87
C VAL B 142 -18.19 11.55 -0.46
N GLN B 143 -19.29 12.17 -0.02
CA GLN B 143 -19.26 13.55 0.46
C GLN B 143 -19.89 13.65 1.85
N TRP B 144 -19.20 14.32 2.76
CA TRP B 144 -19.72 14.54 4.10
C TRP B 144 -20.43 15.88 4.20
N LYS B 145 -21.60 15.88 4.84
CA LYS B 145 -22.33 17.10 5.10
C LYS B 145 -22.67 17.24 6.57
N VAL B 146 -22.35 18.39 7.14
CA VAL B 146 -22.73 18.69 8.52
C VAL B 146 -23.73 19.84 8.51
N ASP B 147 -24.91 19.60 9.09
CA ASP B 147 -26.02 20.55 8.97
C ASP B 147 -26.09 21.08 7.53
N ASN B 148 -26.06 20.16 6.57
CA ASN B 148 -26.08 20.50 5.14
C ASN B 148 -24.86 21.24 4.62
N ALA B 149 -23.90 21.51 5.50
CA ALA B 149 -22.66 22.17 5.08
C ALA B 149 -21.67 21.15 4.54
N LEU B 150 -21.30 21.29 3.28
CA LEU B 150 -20.36 20.38 2.66
C LEU B 150 -19.00 20.42 3.35
N GLN B 151 -18.52 19.25 3.77
CA GLN B 151 -17.26 19.13 4.49
C GLN B 151 -16.09 18.89 3.53
N SER B 152 -14.89 19.29 3.92
CA SER B 152 -13.71 18.95 3.13
C SER B 152 -12.38 19.22 3.86
N GLY B 153 -11.43 18.32 3.68
CA GLY B 153 -10.14 18.42 4.33
C GLY B 153 -10.12 17.71 5.67
N ASN B 154 -11.25 17.15 6.07
CA ASN B 154 -11.36 16.51 7.38
C ASN B 154 -11.87 15.08 7.32
N SER B 155 -11.74 14.46 6.15
CA SER B 155 -12.09 13.06 6.01
C SER B 155 -10.95 12.28 5.39
N GLN B 156 -10.92 10.98 5.64
CA GLN B 156 -10.04 10.07 4.92
C GLN B 156 -10.81 8.82 4.53
N GLU B 157 -10.32 8.15 3.51
CA GLU B 157 -11.10 7.15 2.80
C GLU B 157 -10.21 5.97 2.45
N SER B 158 -10.76 4.77 2.48
CA SER B 158 -9.99 3.59 2.16
C SER B 158 -10.87 2.58 1.43
N VAL B 159 -10.30 1.89 0.44
CA VAL B 159 -11.04 0.90 -0.34
C VAL B 159 -10.38 -0.46 -0.27
N THR B 160 -11.19 -1.51 -0.20
CA THR B 160 -10.68 -2.87 -0.15
C THR B 160 -10.28 -3.38 -1.54
N GLU B 161 -9.53 -4.48 -1.55
CA GLU B 161 -9.26 -5.18 -2.80
C GLU B 161 -10.56 -5.80 -3.30
N GLN B 162 -10.70 -5.90 -4.62
CA GLN B 162 -11.88 -6.51 -5.20
C GLN B 162 -12.08 -7.89 -4.60
N ASP B 163 -13.29 -8.18 -4.15
CA ASP B 163 -13.59 -9.46 -3.55
C ASP B 163 -13.31 -10.61 -4.50
N SER B 164 -12.75 -11.67 -3.95
CA SER B 164 -12.40 -12.85 -4.73
C SER B 164 -13.63 -13.57 -5.28
N LYS B 165 -14.68 -13.66 -4.46
CA LYS B 165 -15.84 -14.47 -4.78
C LYS B 165 -16.95 -13.73 -5.53
N ASP B 166 -17.35 -12.57 -5.02
CA ASP B 166 -18.44 -11.81 -5.64
C ASP B 166 -17.96 -10.60 -6.48
N SER B 167 -16.65 -10.36 -6.48
CA SER B 167 -16.07 -9.29 -7.31
C SER B 167 -16.53 -7.88 -6.92
N THR B 168 -16.96 -7.68 -5.68
CA THR B 168 -17.35 -6.34 -5.26
C THR B 168 -16.23 -5.62 -4.52
N TYR B 169 -16.37 -4.31 -4.38
CA TYR B 169 -15.47 -3.51 -3.58
C TYR B 169 -16.24 -2.96 -2.38
N SER B 170 -15.50 -2.54 -1.37
CA SER B 170 -16.11 -1.83 -0.25
C SER B 170 -15.25 -0.62 0.11
N LEU B 171 -15.89 0.44 0.59
CA LEU B 171 -15.20 1.67 0.91
C LEU B 171 -15.58 2.21 2.28
N SER B 172 -14.58 2.64 3.03
CA SER B 172 -14.80 3.19 4.36
C SER B 172 -14.22 4.59 4.46
N SER B 173 -15.09 5.56 4.76
CA SER B 173 -14.67 6.95 4.94
C SER B 173 -14.85 7.42 6.38
N THR B 174 -13.86 8.15 6.89
CA THR B 174 -13.93 8.65 8.24
C THR B 174 -13.83 10.17 8.30
N LEU B 175 -14.83 10.78 8.92
CA LEU B 175 -14.85 12.20 9.20
C LEU B 175 -14.41 12.40 10.64
N THR B 176 -13.36 13.18 10.84
CA THR B 176 -12.80 13.38 12.17
C THR B 176 -12.93 14.83 12.62
N LEU B 177 -13.59 15.04 13.76
CA LEU B 177 -13.75 16.37 14.32
C LEU B 177 -13.35 16.36 15.78
N SER B 178 -13.02 17.53 16.30
CA SER B 178 -12.83 17.69 17.73
C SER B 178 -14.17 17.46 18.41
N LYS B 179 -14.15 17.00 19.66
CA LYS B 179 -15.38 16.76 20.38
C LYS B 179 -16.19 18.06 20.42
N ALA B 180 -15.49 19.17 20.60
CA ALA B 180 -16.13 20.47 20.73
C ALA B 180 -16.92 20.85 19.48
N ASP B 181 -16.28 20.78 18.32
CA ASP B 181 -16.95 21.13 17.09
C ASP B 181 -18.12 20.19 16.85
N TYR B 182 -17.90 18.91 17.16
CA TYR B 182 -18.93 17.90 16.97
C TYR B 182 -20.21 18.28 17.70
N GLU B 183 -20.06 18.84 18.90
CA GLU B 183 -21.22 19.20 19.70
C GLU B 183 -21.80 20.56 19.34
N LYS B 184 -21.32 21.13 18.24
CA LYS B 184 -21.82 22.41 17.76
C LYS B 184 -22.84 22.19 16.65
N HIS B 185 -23.04 20.94 16.27
CA HIS B 185 -23.91 20.61 15.14
C HIS B 185 -24.83 19.43 15.42
N LYS B 186 -25.85 19.28 14.58
CA LYS B 186 -26.87 18.25 14.79
C LYS B 186 -26.80 17.13 13.77
N VAL B 187 -26.88 17.48 12.49
CA VAL B 187 -27.06 16.48 11.45
C VAL B 187 -25.77 16.10 10.74
N TYR B 188 -25.38 14.84 10.88
CA TYR B 188 -24.22 14.31 10.19
C TYR B 188 -24.63 13.36 9.08
N ALA B 189 -24.27 13.71 7.85
CA ALA B 189 -24.73 12.99 6.68
C ALA B 189 -23.58 12.53 5.80
N CYS B 190 -23.72 11.30 5.30
CA CYS B 190 -22.82 10.77 4.29
C CYS B 190 -23.62 10.73 3.00
N GLU B 191 -23.12 11.38 1.95
CA GLU B 191 -23.79 11.32 0.65
C GLU B 191 -22.97 10.54 -0.37
N VAL B 192 -23.60 9.53 -0.97
CA VAL B 192 -22.89 8.63 -1.86
C VAL B 192 -23.39 8.69 -3.30
N THR B 193 -22.44 8.75 -4.23
CA THR B 193 -22.74 8.73 -5.66
C THR B 193 -22.11 7.50 -6.31
N HIS B 194 -22.89 6.79 -7.12
CA HIS B 194 -22.39 5.59 -7.76
C HIS B 194 -23.23 5.24 -9.00
N GLN B 195 -22.61 4.53 -9.93
CA GLN B 195 -23.26 4.16 -11.18
C GLN B 195 -24.50 3.29 -10.96
N GLY B 196 -24.53 2.56 -9.85
CA GLY B 196 -25.66 1.69 -9.56
C GLY B 196 -26.82 2.46 -8.96
N LEU B 197 -26.57 3.71 -8.60
CA LEU B 197 -27.61 4.55 -8.00
C LEU B 197 -28.24 5.49 -9.02
N SER B 198 -29.57 5.47 -9.08
CA SER B 198 -30.30 6.37 -9.96
C SER B 198 -30.02 7.81 -9.57
N SER B 199 -29.69 8.04 -8.30
CA SER B 199 -29.39 9.36 -7.80
C SER B 199 -28.71 9.24 -6.44
N PRO B 200 -27.95 10.27 -6.04
CA PRO B 200 -27.18 10.21 -4.78
C PRO B 200 -28.01 9.70 -3.61
N VAL B 201 -27.36 8.99 -2.71
CA VAL B 201 -28.01 8.44 -1.52
C VAL B 201 -27.37 8.97 -0.26
N THR B 202 -28.20 9.42 0.68
CA THR B 202 -27.72 9.96 1.94
C THR B 202 -28.12 9.13 3.14
N LYS B 203 -27.15 8.77 3.98
CA LYS B 203 -27.43 8.25 5.31
C LYS B 203 -27.08 9.32 6.33
N SER B 204 -28.00 9.57 7.27
CA SER B 204 -27.83 10.63 8.24
C SER B 204 -28.16 10.15 9.64
N PHE B 205 -27.65 10.88 10.64
CA PHE B 205 -28.10 10.72 12.00
C PHE B 205 -28.05 12.06 12.71
N ASN B 206 -28.78 12.17 13.82
CA ASN B 206 -28.77 13.37 14.63
C ASN B 206 -28.00 13.14 15.93
N ARG B 207 -27.06 14.03 16.22
CA ARG B 207 -26.25 13.93 17.42
C ARG B 207 -27.13 13.63 18.63
N GLY B 208 -26.69 12.67 19.44
CA GLY B 208 -27.26 12.46 20.77
C GLY B 208 -28.54 11.66 20.80
N GLU B 209 -28.98 11.19 19.64
CA GLU B 209 -30.16 10.34 19.56
C GLU B 209 -29.74 8.89 19.76
N CYS B 210 -30.53 8.14 20.52
CA CYS B 210 -30.25 6.74 20.75
C CYS B 210 -30.62 5.90 19.52
#